data_7CCA
#
_entry.id   7CCA
#
_cell.length_a   92.385
_cell.length_b   92.385
_cell.length_c   234.720
_cell.angle_alpha   90.000
_cell.angle_beta   90.000
_cell.angle_gamma   90.000
#
_symmetry.space_group_name_H-M   'P 43 21 2'
#
loop_
_entity.id
_entity.type
_entity.pdbx_description
1 polymer 'Thymidylate Synthase'
2 non-polymer "2'-DEOXYURIDINE 5'-MONOPHOSPHATE"
3 non-polymer METHOTREXATE
4 water water
#
_entity_poly.entity_id   1
_entity_poly.type   'polypeptide(L)'
_entity_poly.pdbx_seq_one_letter_code
;MEGEHQYLNLVREILERGVKKDDRTGTGTLSIFGPQMRFSLRDDTIPVLTTKKIFWRGVVEELLWFIRGNTDAKELAKKK
IHIWNANGSREFLDSRGLYDRAEGDLGPVYGFQWRHFGAEYDTCSSDYTGKGIDQLANILKTLRENPDDRRMIMTAWNPM
DLHLMALPPCHMTAQFYVANGELSCQLYQRSGDVGLGVPFNIASYSLLTHLMASMVGLKPGEFILTLGDAHIYNTHIEVL
KKQLCRVPRPFPKLRILMAPEKIEDFTIDMFYLEGYQPHSGNLQMKMAVLEHHHHHH
;
_entity_poly.pdbx_strand_id   A,B
#
loop_
_chem_comp.id
_chem_comp.type
_chem_comp.name
_chem_comp.formula
MTX non-polymer METHOTREXATE 'C20 H22 N8 O5'
UMP non-polymer '2'-DEOXYURIDINE 5'-MONOPHOSPHATE' 'C9 H13 N2 O8 P'
#
# COMPACT_ATOMS: atom_id res chain seq x y z
N MET A 1 -19.96 16.00 2.87
CA MET A 1 -19.30 14.81 2.32
C MET A 1 -17.98 14.54 2.98
N GLU A 2 -17.82 15.02 4.20
CA GLU A 2 -16.62 14.79 4.94
C GLU A 2 -17.01 14.00 6.14
N GLY A 3 -16.02 13.48 6.84
CA GLY A 3 -16.20 12.77 8.07
C GLY A 3 -16.82 11.43 7.88
N GLU A 4 -17.75 11.10 8.75
CA GLU A 4 -18.44 9.78 8.78
C GLU A 4 -19.19 9.52 7.45
N HIS A 5 -19.58 10.57 6.72
CA HIS A 5 -20.30 10.45 5.44
C HIS A 5 -19.40 9.67 4.47
N GLN A 6 -18.10 9.86 4.58
CA GLN A 6 -17.07 9.10 3.85
C GLN A 6 -17.39 7.60 3.96
N TYR A 7 -17.55 7.11 5.20
CA TYR A 7 -17.77 5.67 5.49
C TYR A 7 -19.14 5.25 4.94
N LEU A 8 -20.18 6.08 5.14
CA LEU A 8 -21.58 5.74 4.79
C LEU A 8 -21.68 5.66 3.25
N ASN A 9 -21.03 6.60 2.57
CA ASN A 9 -21.00 6.67 1.09
C ASN A 9 -20.32 5.39 0.56
N LEU A 10 -19.23 4.92 1.21
CA LEU A 10 -18.54 3.66 0.82
C LEU A 10 -19.53 2.49 0.93
N VAL A 11 -20.35 2.44 1.99
CA VAL A 11 -21.34 1.35 2.21
C VAL A 11 -22.38 1.39 1.09
N ARG A 12 -22.92 2.57 0.77
CA ARG A 12 -23.89 2.72 -0.34
C ARG A 12 -23.29 2.20 -1.64
N GLU A 13 -22.11 2.71 -1.99
CA GLU A 13 -21.43 2.39 -3.26
C GLU A 13 -21.27 0.87 -3.39
N ILE A 14 -20.89 0.17 -2.32
CA ILE A 14 -20.73 -1.32 -2.39
C ILE A 14 -22.11 -1.96 -2.58
N LEU A 15 -23.14 -1.44 -1.89
CA LEU A 15 -24.53 -1.98 -2.00
C LEU A 15 -25.06 -1.75 -3.42
N GLU A 16 -24.77 -0.60 -4.03
CA GLU A 16 -25.33 -0.21 -5.36
C GLU A 16 -24.48 -0.68 -6.56
N ARG A 17 -23.15 -0.70 -6.45
CA ARG A 17 -22.25 -1.03 -7.60
C ARG A 17 -21.40 -2.26 -7.29
N GLY A 18 -21.47 -2.81 -6.08
CA GLY A 18 -20.61 -3.94 -5.70
C GLY A 18 -20.80 -5.08 -6.68
N VAL A 19 -19.81 -5.95 -6.79
CA VAL A 19 -19.87 -7.19 -7.61
C VAL A 19 -20.02 -8.36 -6.66
N LYS A 20 -20.92 -9.29 -6.98
CA LYS A 20 -21.16 -10.54 -6.21
C LYS A 20 -19.91 -11.41 -6.34
N LYS A 21 -19.48 -12.02 -5.27
CA LYS A 21 -18.19 -12.64 -5.27
C LYS A 21 -18.16 -13.60 -4.13
N ASP A 22 -18.39 -14.87 -4.41
CA ASP A 22 -18.38 -15.82 -3.34
C ASP A 22 -17.01 -15.55 -2.78
N ASP A 23 -16.60 -16.28 -1.76
CA ASP A 23 -15.35 -15.96 -1.10
C ASP A 23 -14.80 -17.07 -0.24
N ARG A 24 -13.58 -16.83 0.25
CA ARG A 24 -12.82 -17.67 1.14
C ARG A 24 -13.68 -18.57 1.96
N THR A 25 -14.72 -17.97 2.51
CA THR A 25 -15.54 -18.62 3.49
C THR A 25 -16.87 -18.93 2.91
N GLY A 26 -17.66 -19.68 3.65
CA GLY A 26 -18.96 -20.07 3.19
C GLY A 26 -19.89 -18.91 3.36
N THR A 27 -19.93 -18.03 2.38
CA THR A 27 -20.77 -16.87 2.47
C THR A 27 -20.32 -15.92 1.41
N GLY A 28 -21.13 -14.97 1.05
CA GLY A 28 -20.85 -14.19 -0.13
C GLY A 28 -20.55 -12.75 0.15
N THR A 29 -20.09 -12.03 -0.85
CA THR A 29 -19.84 -10.59 -0.61
C THR A 29 -20.28 -9.78 -1.81
N LEU A 30 -20.65 -8.53 -1.57
CA LEU A 30 -20.58 -7.47 -2.59
C LEU A 30 -19.23 -6.79 -2.39
N SER A 31 -18.53 -6.47 -3.48
CA SER A 31 -17.09 -6.09 -3.46
C SER A 31 -16.81 -5.00 -4.48
N ILE A 32 -16.06 -3.97 -4.10
CA ILE A 32 -15.35 -3.06 -5.06
C ILE A 32 -13.85 -3.05 -4.75
N PHE A 33 -13.05 -2.40 -5.61
CA PHE A 33 -11.57 -2.39 -5.52
C PHE A 33 -11.04 -0.95 -5.48
N GLY A 34 -10.18 -0.66 -4.52
CA GLY A 34 -9.37 0.58 -4.56
C GLY A 34 -10.02 1.81 -3.93
N PRO A 35 -11.12 1.74 -3.13
CA PRO A 35 -11.74 2.95 -2.61
C PRO A 35 -10.96 3.54 -1.43
N GLN A 36 -11.09 4.85 -1.25
CA GLN A 36 -10.28 5.61 -0.29
C GLN A 36 -11.22 6.43 0.61
N MET A 37 -10.89 6.56 1.88
CA MET A 37 -11.56 7.47 2.83
C MET A 37 -10.50 8.36 3.52
N ARG A 38 -10.80 9.65 3.70
CA ARG A 38 -9.93 10.65 4.38
C ARG A 38 -10.71 11.18 5.59
N PHE A 39 -10.05 11.25 6.73
CA PHE A 39 -10.60 11.68 8.02
C PHE A 39 -9.69 12.76 8.60
N SER A 40 -10.27 13.88 9.00
CA SER A 40 -9.53 14.98 9.67
C SER A 40 -9.32 14.57 11.12
N LEU A 41 -8.09 14.68 11.60
CA LEU A 41 -7.71 14.53 13.04
C LEU A 41 -7.50 15.90 13.68
N ARG A 42 -7.82 16.99 12.96
CA ARG A 42 -7.62 18.37 13.45
C ARG A 42 -8.61 18.65 14.58
N ASP A 43 -8.27 19.63 15.43
CA ASP A 43 -9.09 20.06 16.59
C ASP A 43 -9.40 18.83 17.47
N ASP A 44 -8.41 17.94 17.60
CA ASP A 44 -8.44 16.75 18.51
C ASP A 44 -9.50 15.73 18.05
N THR A 45 -9.98 15.82 16.80
CA THR A 45 -11.02 14.92 16.29
C THR A 45 -10.43 13.51 16.11
N ILE A 46 -11.23 12.50 16.40
CA ILE A 46 -10.89 11.08 16.11
C ILE A 46 -12.13 10.40 15.53
N PRO A 47 -12.02 9.84 14.31
CA PRO A 47 -13.18 9.30 13.62
C PRO A 47 -13.70 7.96 14.18
N VAL A 48 -14.28 8.02 15.38
CA VAL A 48 -15.02 6.86 15.95
C VAL A 48 -16.48 6.98 15.53
N LEU A 49 -16.98 6.02 14.77
CA LEU A 49 -18.35 6.09 14.17
C LEU A 49 -19.40 6.42 15.25
N THR A 50 -20.34 7.29 14.90
CA THR A 50 -21.50 7.67 15.75
C THR A 50 -22.75 6.91 15.30
N THR A 51 -22.82 6.36 14.09
CA THR A 51 -24.03 5.67 13.57
C THR A 51 -24.07 4.23 14.07
N LYS A 52 -23.02 3.80 14.78
CA LYS A 52 -22.87 2.46 15.37
C LYS A 52 -21.90 2.60 16.54
N LYS A 53 -22.22 2.03 17.70
CA LYS A 53 -21.31 2.08 18.87
C LYS A 53 -20.08 1.22 18.53
N ILE A 54 -18.88 1.81 18.61
CA ILE A 54 -17.59 1.11 18.39
C ILE A 54 -17.05 0.66 19.74
N PHE A 55 -16.47 -0.54 19.79
CA PHE A 55 -15.89 -1.15 21.01
C PHE A 55 -14.52 -0.48 21.28
N TRP A 56 -14.56 0.74 21.82
CA TRP A 56 -13.37 1.62 21.94
C TRP A 56 -12.29 0.97 22.82
N ARG A 57 -12.65 0.42 23.99
CA ARG A 57 -11.71 -0.30 24.86
C ARG A 57 -10.97 -1.38 24.04
N GLY A 58 -11.66 -2.08 23.15
CA GLY A 58 -11.08 -3.10 22.27
C GLY A 58 -10.03 -2.52 21.34
N VAL A 59 -10.39 -1.44 20.63
CA VAL A 59 -9.47 -0.68 19.75
C VAL A 59 -8.20 -0.32 20.52
N VAL A 60 -8.35 0.25 21.72
CA VAL A 60 -7.20 0.79 22.51
C VAL A 60 -6.30 -0.36 22.93
N GLU A 61 -6.88 -1.41 23.53
CA GLU A 61 -6.08 -2.50 24.16
C GLU A 61 -5.37 -3.30 23.06
N GLU A 62 -6.02 -3.50 21.91
CA GLU A 62 -5.41 -4.18 20.73
C GLU A 62 -4.26 -3.34 20.17
N LEU A 63 -4.42 -2.03 20.04
CA LEU A 63 -3.35 -1.18 19.47
C LEU A 63 -2.15 -1.19 20.41
N LEU A 64 -2.36 -1.02 21.71
CA LEU A 64 -1.26 -1.00 22.71
C LEU A 64 -0.53 -2.35 22.65
N TRP A 65 -1.30 -3.42 22.51
CA TRP A 65 -0.79 -4.78 22.28
C TRP A 65 0.08 -4.85 20.99
N PHE A 66 -0.37 -4.32 19.86
CA PHE A 66 0.46 -4.18 18.64
C PHE A 66 1.71 -3.38 18.98
N ILE A 67 1.57 -2.21 19.59
CA ILE A 67 2.71 -1.27 19.81
C ILE A 67 3.78 -1.96 20.65
N ARG A 68 3.40 -2.86 21.55
CA ARG A 68 4.36 -3.54 22.44
C ARG A 68 5.11 -4.65 21.70
N GLY A 69 4.64 -5.07 20.52
CA GLY A 69 5.25 -6.16 19.75
C GLY A 69 4.72 -7.50 20.19
N ASN A 70 3.62 -7.51 20.94
CA ASN A 70 3.03 -8.73 21.54
C ASN A 70 2.24 -9.51 20.48
N THR A 71 2.23 -10.83 20.63
CA THR A 71 1.56 -11.77 19.70
C THR A 71 0.75 -12.82 20.47
N ASP A 72 0.67 -12.74 21.79
CA ASP A 72 -0.08 -13.71 22.65
C ASP A 72 -1.53 -13.25 22.78
N ALA A 73 -2.49 -14.01 22.24
CA ALA A 73 -3.95 -13.69 22.31
C ALA A 73 -4.43 -13.70 23.77
N LYS A 74 -3.74 -14.47 24.61
CA LYS A 74 -4.14 -14.70 26.02
C LYS A 74 -4.05 -13.35 26.74
N GLU A 75 -3.04 -12.52 26.44
CA GLU A 75 -2.87 -11.15 27.02
C GLU A 75 -4.13 -10.30 26.78
N LEU A 76 -4.78 -10.47 25.64
CA LEU A 76 -6.01 -9.69 25.33
C LEU A 76 -7.20 -10.29 26.05
N ALA A 77 -7.26 -11.63 26.16
CA ALA A 77 -8.37 -12.38 26.82
C ALA A 77 -8.44 -11.99 28.31
N LYS A 78 -7.27 -11.73 28.91
CA LYS A 78 -7.09 -11.31 30.33
C LYS A 78 -7.76 -9.95 30.57
N LYS A 79 -7.74 -9.05 29.58
CA LYS A 79 -8.40 -7.72 29.69
C LYS A 79 -9.80 -7.80 29.09
N LYS A 80 -10.33 -9.03 28.98
CA LYS A 80 -11.72 -9.34 28.53
C LYS A 80 -11.91 -8.83 27.09
N ILE A 81 -10.81 -8.79 26.32
CA ILE A 81 -10.82 -8.58 24.84
C ILE A 81 -10.76 -9.97 24.19
N HIS A 82 -11.81 -10.34 23.44
CA HIS A 82 -12.00 -11.71 22.89
C HIS A 82 -11.75 -11.78 21.36
N ILE A 83 -11.33 -10.69 20.70
CA ILE A 83 -11.32 -10.55 19.21
C ILE A 83 -10.28 -11.50 18.59
N TRP A 84 -9.27 -11.94 19.34
CA TRP A 84 -8.17 -12.78 18.80
C TRP A 84 -8.22 -14.22 19.32
N ASN A 85 -9.18 -14.56 20.18
CA ASN A 85 -9.30 -15.92 20.80
C ASN A 85 -9.56 -16.98 19.72
N ALA A 86 -10.55 -16.77 18.84
CA ALA A 86 -10.87 -17.66 17.68
C ALA A 86 -9.59 -18.09 16.96
N ASN A 87 -8.83 -17.15 16.40
CA ASN A 87 -7.66 -17.39 15.52
C ASN A 87 -6.47 -17.96 16.32
N GLY A 88 -6.51 -17.93 17.65
CA GLY A 88 -5.42 -18.44 18.52
C GLY A 88 -5.79 -19.76 19.19
N SER A 89 -6.99 -20.29 18.90
CA SER A 89 -7.57 -21.56 19.44
C SER A 89 -6.84 -22.78 18.85
N ARG A 90 -6.78 -23.87 19.62
CA ARG A 90 -6.18 -25.18 19.22
C ARG A 90 -6.65 -25.55 17.80
N GLU A 91 -7.97 -25.57 17.58
CA GLU A 91 -8.58 -25.90 16.27
C GLU A 91 -7.90 -25.11 15.16
N PHE A 92 -7.93 -23.78 15.25
CA PHE A 92 -7.57 -22.85 14.15
C PHE A 92 -6.05 -22.95 13.86
N LEU A 93 -5.19 -22.99 14.89
CA LEU A 93 -3.72 -23.16 14.70
C LEU A 93 -3.44 -24.47 13.97
N ASP A 94 -4.18 -25.54 14.33
CA ASP A 94 -4.05 -26.90 13.73
C ASP A 94 -4.46 -26.84 12.25
N SER A 95 -5.60 -26.21 11.91
CA SER A 95 -6.10 -26.01 10.52
C SER A 95 -5.07 -25.23 9.68
N ARG A 96 -4.12 -24.54 10.31
CA ARG A 96 -3.06 -23.73 9.66
C ARG A 96 -1.72 -24.48 9.65
N GLY A 97 -1.69 -25.71 10.15
CA GLY A 97 -0.50 -26.57 10.17
C GLY A 97 0.47 -26.18 11.27
N LEU A 98 -0.01 -25.47 12.28
CA LEU A 98 0.87 -24.97 13.31
C LEU A 98 0.74 -25.78 14.59
N TYR A 99 1.03 -27.05 14.46
CA TYR A 99 0.72 -28.01 15.48
C TYR A 99 1.53 -27.87 16.74
N ASP A 100 2.75 -27.38 16.64
CA ASP A 100 3.60 -27.27 17.82
C ASP A 100 3.51 -25.90 18.44
N ARG A 101 2.45 -25.20 18.12
CA ARG A 101 2.20 -23.79 18.53
C ARG A 101 1.23 -23.84 19.71
N ALA A 102 1.66 -23.33 20.87
CA ALA A 102 0.86 -23.20 22.11
C ALA A 102 -0.41 -22.35 21.84
N GLU A 103 -1.56 -22.78 22.37
CA GLU A 103 -2.87 -22.07 22.22
C GLU A 103 -2.67 -20.58 22.55
N GLY A 104 -3.18 -19.69 21.69
CA GLY A 104 -3.10 -18.23 21.85
C GLY A 104 -1.80 -17.61 21.30
N ASP A 105 -0.84 -18.43 20.84
CA ASP A 105 0.42 -17.96 20.20
C ASP A 105 0.16 -17.79 18.69
N LEU A 106 -0.16 -16.57 18.25
CA LEU A 106 -0.64 -16.25 16.88
C LEU A 106 0.49 -16.27 15.87
N GLY A 107 1.75 -16.27 16.32
CA GLY A 107 2.94 -16.16 15.46
C GLY A 107 3.33 -14.70 15.30
N PRO A 108 4.24 -14.38 14.36
CA PRO A 108 4.78 -13.02 14.23
C PRO A 108 3.82 -12.12 13.44
N VAL A 109 2.61 -11.98 13.98
CA VAL A 109 1.58 -11.03 13.47
C VAL A 109 1.94 -9.59 13.85
N TYR A 110 1.20 -8.67 13.27
CA TYR A 110 1.36 -7.24 13.33
C TYR A 110 2.47 -6.66 14.15
N GLY A 111 2.22 -6.52 15.41
CA GLY A 111 3.12 -5.84 16.34
C GLY A 111 4.53 -6.36 16.18
N PHE A 112 4.67 -7.68 16.12
CA PHE A 112 5.99 -8.34 15.99
C PHE A 112 6.74 -7.74 14.81
N GLN A 113 6.05 -7.60 13.67
CA GLN A 113 6.63 -7.00 12.44
C GLN A 113 6.92 -5.51 12.67
N TRP A 114 6.03 -4.78 13.35
CA TRP A 114 6.22 -3.32 13.57
C TRP A 114 7.54 -3.06 14.29
N ARG A 115 7.87 -3.88 15.29
CA ARG A 115 8.98 -3.64 16.26
C ARG A 115 10.16 -4.59 16.03
N HIS A 116 10.03 -5.66 15.23
CA HIS A 116 11.06 -6.72 15.10
C HIS A 116 11.08 -7.33 13.70
N PHE A 117 10.86 -6.53 12.66
CA PHE A 117 10.81 -7.06 11.27
C PHE A 117 12.11 -7.84 11.00
N GLY A 118 11.97 -9.10 10.59
CA GLY A 118 13.10 -9.93 10.12
C GLY A 118 13.72 -10.74 11.23
N ALA A 119 13.38 -10.48 12.48
CA ALA A 119 13.81 -11.31 13.61
C ALA A 119 13.22 -12.71 13.49
N GLU A 120 13.99 -13.72 13.86
CA GLU A 120 13.56 -15.13 13.97
C GLU A 120 12.55 -15.26 15.11
N TYR A 121 11.41 -15.89 14.83
CA TYR A 121 10.30 -16.07 15.81
C TYR A 121 10.50 -17.40 16.52
N ASP A 122 10.33 -17.36 17.84
CA ASP A 122 10.37 -18.55 18.73
C ASP A 122 8.94 -18.82 19.23
N THR A 123 8.54 -18.19 20.33
CA THR A 123 7.16 -18.22 20.85
C THR A 123 6.77 -16.79 21.23
N CYS A 124 5.48 -16.56 21.49
CA CYS A 124 4.95 -15.23 21.90
C CYS A 124 5.53 -14.80 23.26
N SER A 125 5.95 -15.72 24.12
CA SER A 125 6.54 -15.35 25.43
C SER A 125 8.06 -15.13 25.32
N SER A 126 8.71 -15.36 24.18
CA SER A 126 10.19 -15.10 24.05
C SER A 126 10.50 -13.60 24.22
N ASP A 127 11.75 -13.28 24.50
CA ASP A 127 12.25 -11.88 24.68
C ASP A 127 12.84 -11.41 23.36
N TYR A 128 12.19 -10.48 22.66
CA TYR A 128 12.61 -10.03 21.30
C TYR A 128 13.39 -8.71 21.37
N THR A 129 13.67 -8.20 22.59
CA THR A 129 14.33 -6.89 22.82
C THR A 129 15.57 -6.80 21.93
N GLY A 130 15.67 -5.74 21.10
CA GLY A 130 16.83 -5.47 20.23
C GLY A 130 16.95 -6.41 19.05
N LYS A 131 15.96 -7.26 18.79
CA LYS A 131 15.96 -8.20 17.64
C LYS A 131 15.06 -7.64 16.53
N GLY A 132 15.54 -7.74 15.29
CA GLY A 132 14.81 -7.30 14.10
C GLY A 132 14.95 -5.81 13.95
N ILE A 133 14.30 -5.26 12.92
CA ILE A 133 14.21 -3.81 12.62
C ILE A 133 13.00 -3.24 13.38
N ASP A 134 13.23 -2.26 14.24
CA ASP A 134 12.14 -1.54 14.93
C ASP A 134 11.67 -0.42 13.99
N GLN A 135 10.69 -0.71 13.14
CA GLN A 135 10.17 0.24 12.13
C GLN A 135 9.53 1.44 12.84
N LEU A 136 8.84 1.18 13.96
CA LEU A 136 8.06 2.24 14.66
C LEU A 136 9.02 3.23 15.34
N ALA A 137 9.99 2.72 16.07
CA ALA A 137 11.03 3.57 16.73
C ALA A 137 11.76 4.38 15.66
N ASN A 138 12.13 3.76 14.54
CA ASN A 138 12.86 4.45 13.43
C ASN A 138 12.03 5.62 12.90
N ILE A 139 10.73 5.40 12.69
CA ILE A 139 9.80 6.43 12.16
C ILE A 139 9.72 7.56 13.18
N LEU A 140 9.50 7.22 14.45
CA LEU A 140 9.42 8.25 15.53
C LEU A 140 10.67 9.13 15.52
N LYS A 141 11.84 8.53 15.31
CA LYS A 141 13.13 9.26 15.33
C LYS A 141 13.17 10.18 14.11
N THR A 142 12.83 9.65 12.93
CA THR A 142 12.78 10.40 11.65
C THR A 142 11.82 11.59 11.77
N LEU A 143 10.70 11.45 12.49
CA LEU A 143 9.70 12.54 12.61
C LEU A 143 10.31 13.72 13.37
N ARG A 144 11.17 13.42 14.36
CA ARG A 144 11.91 14.44 15.17
C ARG A 144 13.00 15.08 14.31
N GLU A 145 13.80 14.27 13.59
CA GLU A 145 15.07 14.74 12.96
C GLU A 145 14.86 15.16 11.50
N ASN A 146 13.97 14.53 10.75
CA ASN A 146 13.88 14.74 9.28
C ASN A 146 12.47 14.47 8.79
N PRO A 147 11.47 15.29 9.21
CA PRO A 147 10.05 14.99 8.97
C PRO A 147 9.62 14.97 7.48
N ASP A 148 10.42 15.55 6.59
CA ASP A 148 10.09 15.64 5.13
C ASP A 148 10.44 14.33 4.41
N ASP A 149 11.07 13.37 5.09
CA ASP A 149 11.53 12.07 4.53
C ASP A 149 10.34 11.31 3.92
N ARG A 150 10.55 10.75 2.73
CA ARG A 150 9.48 10.09 1.94
C ARG A 150 9.51 8.56 2.06
N ARG A 151 10.21 8.00 3.05
CA ARG A 151 10.36 6.54 3.23
C ARG A 151 9.90 6.12 4.62
N MET A 152 9.00 6.86 5.26
CA MET A 152 8.50 6.56 6.63
C MET A 152 7.38 5.52 6.55
N ILE A 153 7.80 4.29 6.26
CA ILE A 153 6.96 3.10 5.99
C ILE A 153 7.05 2.17 7.19
N MET A 154 5.91 1.72 7.70
CA MET A 154 5.81 0.62 8.69
C MET A 154 4.92 -0.48 8.08
N THR A 155 5.48 -1.66 7.84
CA THR A 155 4.76 -2.77 7.18
C THR A 155 4.71 -3.99 8.11
N ALA A 156 3.61 -4.74 8.05
CA ALA A 156 3.50 -6.09 8.62
C ALA A 156 3.56 -7.16 7.52
N TRP A 157 3.62 -6.77 6.24
CA TRP A 157 3.63 -7.71 5.09
C TRP A 157 5.06 -8.20 4.88
N ASN A 158 5.38 -9.35 5.47
CA ASN A 158 6.69 -10.05 5.43
C ASN A 158 6.48 -11.41 4.78
N PRO A 159 6.66 -11.52 3.45
CA PRO A 159 6.33 -12.74 2.72
C PRO A 159 6.90 -14.04 3.36
N MET A 160 8.01 -13.92 4.08
CA MET A 160 8.72 -15.07 4.69
C MET A 160 8.07 -15.51 5.99
N ASP A 161 7.33 -14.62 6.68
CA ASP A 161 6.68 -14.95 7.97
C ASP A 161 5.19 -15.29 7.79
N LEU A 162 4.59 -15.11 6.62
CA LEU A 162 3.14 -15.40 6.40
C LEU A 162 2.76 -16.83 6.88
N HIS A 163 3.53 -17.87 6.56
CA HIS A 163 3.19 -19.27 6.90
C HIS A 163 3.19 -19.43 8.42
N LEU A 164 4.02 -18.69 9.16
CA LEU A 164 4.07 -18.78 10.64
C LEU A 164 2.90 -18.02 11.28
N MET A 165 2.19 -17.15 10.56
CA MET A 165 1.11 -16.30 11.14
C MET A 165 -0.21 -17.09 11.21
N ALA A 166 -1.04 -16.85 12.22
CA ALA A 166 -2.39 -17.47 12.31
C ALA A 166 -3.20 -17.01 11.10
N LEU A 167 -3.17 -15.70 10.82
CA LEU A 167 -3.75 -15.03 9.63
C LEU A 167 -2.72 -14.09 9.02
N PRO A 168 -2.68 -13.98 7.67
CA PRO A 168 -1.84 -12.97 7.02
C PRO A 168 -2.47 -11.60 7.26
N PRO A 169 -1.66 -10.52 7.37
CA PRO A 169 -2.17 -9.20 7.75
C PRO A 169 -3.21 -8.64 6.77
N CYS A 170 -4.14 -7.82 7.26
CA CYS A 170 -5.07 -7.01 6.46
C CYS A 170 -4.59 -5.56 6.38
N HIS A 171 -4.52 -4.89 7.53
CA HIS A 171 -3.87 -3.57 7.66
C HIS A 171 -2.37 -3.81 7.57
N MET A 172 -1.84 -3.72 6.36
CA MET A 172 -0.52 -4.33 6.06
C MET A 172 0.60 -3.29 6.01
N THR A 173 0.34 -2.04 5.64
CA THR A 173 1.41 -1.05 5.41
C THR A 173 0.88 0.35 5.65
N ALA A 174 1.59 1.11 6.48
CA ALA A 174 1.25 2.50 6.84
C ALA A 174 2.43 3.39 6.46
N GLN A 175 2.12 4.58 5.96
CA GLN A 175 3.14 5.60 5.62
C GLN A 175 2.80 6.86 6.42
N PHE A 176 3.82 7.59 6.85
CA PHE A 176 3.64 8.84 7.60
C PHE A 176 4.21 9.97 6.77
N TYR A 177 3.70 11.15 7.03
CA TYR A 177 3.91 12.38 6.23
C TYR A 177 3.65 13.58 7.14
N VAL A 178 4.43 14.64 6.93
CA VAL A 178 4.37 15.88 7.76
C VAL A 178 4.31 17.06 6.81
N ALA A 179 3.41 17.98 7.14
CA ALA A 179 3.29 19.31 6.50
C ALA A 179 2.69 20.26 7.52
N ASN A 180 3.23 21.48 7.65
CA ASN A 180 2.73 22.53 8.58
C ASN A 180 2.68 21.96 10.00
N GLY A 181 3.69 21.19 10.41
CA GLY A 181 3.73 20.58 11.76
C GLY A 181 2.51 19.72 12.10
N GLU A 182 1.87 19.14 11.08
CA GLU A 182 0.74 18.18 11.18
C GLU A 182 1.23 16.79 10.73
N LEU A 183 0.94 15.74 11.50
CA LEU A 183 1.32 14.35 11.14
C LEU A 183 0.12 13.68 10.48
N SER A 184 0.29 13.16 9.27
CA SER A 184 -0.72 12.34 8.57
C SER A 184 -0.21 10.90 8.43
N CYS A 185 -1.16 9.98 8.34
CA CYS A 185 -0.91 8.54 8.18
C CYS A 185 -1.80 8.02 7.06
N GLN A 186 -1.22 7.38 6.05
CA GLN A 186 -2.00 6.57 5.10
C GLN A 186 -1.81 5.10 5.45
N LEU A 187 -2.90 4.34 5.52
CA LEU A 187 -2.92 2.87 5.68
C LEU A 187 -3.34 2.21 4.36
N TYR A 188 -2.54 1.28 3.87
CA TYR A 188 -2.97 0.35 2.81
C TYR A 188 -3.51 -0.91 3.49
N GLN A 189 -4.83 -1.14 3.35
CA GLN A 189 -5.49 -2.39 3.80
C GLN A 189 -5.95 -3.22 2.60
N ARG A 190 -5.37 -4.42 2.41
CA ARG A 190 -5.55 -5.25 1.18
C ARG A 190 -6.98 -5.77 1.07
N SER A 191 -7.67 -5.87 2.20
CA SER A 191 -8.97 -6.56 2.37
C SER A 191 -9.68 -5.96 3.59
N GLY A 192 -10.88 -5.44 3.35
CA GLY A 192 -11.68 -4.73 4.36
C GLY A 192 -13.09 -5.26 4.44
N ASP A 193 -13.46 -5.86 5.57
CA ASP A 193 -14.86 -6.17 5.96
C ASP A 193 -15.48 -4.84 6.36
N VAL A 194 -16.16 -4.18 5.44
CA VAL A 194 -16.65 -2.78 5.58
C VAL A 194 -17.67 -2.69 6.72
N GLY A 195 -18.49 -3.73 6.88
CA GLY A 195 -19.48 -3.79 7.96
C GLY A 195 -18.83 -3.84 9.33
N LEU A 196 -17.96 -4.81 9.59
CA LEU A 196 -17.51 -5.13 10.98
C LEU A 196 -16.11 -4.59 11.29
N GLY A 197 -15.13 -4.87 10.42
CA GLY A 197 -13.69 -4.60 10.65
C GLY A 197 -13.31 -3.15 10.40
N VAL A 198 -13.74 -2.57 9.29
CA VAL A 198 -13.20 -1.26 8.79
C VAL A 198 -13.43 -0.14 9.82
N PRO A 199 -14.61 -0.05 10.46
CA PRO A 199 -14.84 0.95 11.51
C PRO A 199 -13.87 0.84 12.68
N PHE A 200 -13.48 -0.39 13.00
CA PHE A 200 -12.48 -0.71 14.02
C PHE A 200 -11.09 -0.22 13.57
N ASN A 201 -10.74 -0.54 12.32
CA ASN A 201 -9.42 -0.20 11.72
C ASN A 201 -9.23 1.32 11.67
N ILE A 202 -10.30 2.05 11.33
CA ILE A 202 -10.29 3.54 11.25
C ILE A 202 -9.96 4.11 12.63
N ALA A 203 -10.58 3.57 13.67
CA ALA A 203 -10.36 4.01 15.06
C ALA A 203 -8.92 3.66 15.45
N SER A 204 -8.43 2.48 15.06
CA SER A 204 -7.08 1.94 15.41
C SER A 204 -5.97 2.87 14.90
N TYR A 205 -5.95 3.14 13.60
CA TYR A 205 -4.85 3.90 12.98
C TYR A 205 -5.01 5.41 13.23
N SER A 206 -6.23 5.89 13.40
CA SER A 206 -6.50 7.28 13.86
C SER A 206 -5.85 7.49 15.24
N LEU A 207 -6.14 6.60 16.20
CA LEU A 207 -5.54 6.65 17.56
C LEU A 207 -4.00 6.60 17.44
N LEU A 208 -3.47 5.64 16.68
CA LEU A 208 -2.00 5.51 16.48
C LEU A 208 -1.41 6.85 16.03
N THR A 209 -2.07 7.53 15.09
CA THR A 209 -1.60 8.81 14.53
C THR A 209 -1.60 9.87 15.64
N HIS A 210 -2.68 9.94 16.43
CA HIS A 210 -2.78 10.85 17.61
C HIS A 210 -1.61 10.58 18.57
N LEU A 211 -1.42 9.31 18.97
CA LEU A 211 -0.40 8.89 19.95
C LEU A 211 0.99 9.24 19.42
N MET A 212 1.29 8.91 18.16
CA MET A 212 2.61 9.17 17.52
C MET A 212 2.88 10.68 17.44
N ALA A 213 1.86 11.48 17.12
CA ALA A 213 1.95 12.95 17.06
C ALA A 213 2.40 13.48 18.42
N SER A 214 1.78 13.03 19.51
CA SER A 214 2.11 13.53 20.87
C SER A 214 3.52 13.08 21.29
N MET A 215 4.06 12.01 20.74
CA MET A 215 5.42 11.51 21.05
C MET A 215 6.52 12.41 20.45
N VAL A 216 6.21 13.21 19.42
CA VAL A 216 7.27 13.90 18.63
C VAL A 216 6.97 15.40 18.49
N GLY A 217 6.02 15.93 19.25
CA GLY A 217 5.71 17.37 19.27
C GLY A 217 5.11 17.87 17.97
N LEU A 218 4.17 17.12 17.37
CA LEU A 218 3.43 17.49 16.15
C LEU A 218 1.94 17.38 16.44
N LYS A 219 1.13 18.11 15.69
CA LYS A 219 -0.35 18.03 15.78
C LYS A 219 -0.81 16.95 14.82
N PRO A 220 -1.92 16.26 15.12
CA PRO A 220 -2.51 15.32 14.18
C PRO A 220 -3.05 16.07 12.94
N GLY A 221 -2.95 15.46 11.74
CA GLY A 221 -3.40 16.00 10.44
C GLY A 221 -4.56 15.20 9.84
N GLU A 222 -4.27 14.30 8.90
CA GLU A 222 -5.27 13.39 8.31
C GLU A 222 -4.91 11.92 8.54
N PHE A 223 -5.94 11.09 8.69
CA PHE A 223 -5.84 9.64 8.49
C PHE A 223 -6.54 9.29 7.19
N ILE A 224 -5.91 8.48 6.36
CA ILE A 224 -6.39 8.09 5.01
C ILE A 224 -6.36 6.57 4.96
N LEU A 225 -7.52 5.94 4.84
CA LEU A 225 -7.62 4.48 4.62
C LEU A 225 -7.80 4.22 3.12
N THR A 226 -6.83 3.55 2.48
CA THR A 226 -6.89 3.06 1.09
C THR A 226 -7.09 1.53 1.13
N LEU A 227 -8.17 1.05 0.51
CA LEU A 227 -8.56 -0.38 0.54
C LEU A 227 -8.22 -1.06 -0.77
N GLY A 228 -7.93 -2.35 -0.68
CA GLY A 228 -7.87 -3.26 -1.82
C GLY A 228 -9.26 -3.75 -2.08
N ASP A 229 -9.59 -4.92 -1.60
CA ASP A 229 -10.91 -5.49 -1.71
C ASP A 229 -11.78 -5.03 -0.56
N ALA A 230 -12.66 -4.09 -0.83
CA ALA A 230 -13.59 -3.63 0.16
C ALA A 230 -14.91 -4.30 -0.08
N HIS A 231 -15.37 -5.07 0.88
CA HIS A 231 -16.57 -5.84 0.69
C HIS A 231 -17.48 -5.82 1.86
N ILE A 232 -18.77 -5.91 1.57
CA ILE A 232 -19.79 -6.14 2.58
C ILE A 232 -20.21 -7.58 2.45
N TYR A 233 -20.37 -8.26 3.56
CA TYR A 233 -20.84 -9.63 3.53
C TYR A 233 -22.34 -9.66 3.41
N ASN A 234 -22.86 -10.65 2.68
CA ASN A 234 -24.31 -10.76 2.32
C ASN A 234 -25.16 -10.77 3.59
N THR A 235 -24.66 -11.41 4.65
CA THR A 235 -25.30 -11.46 5.99
C THR A 235 -25.45 -10.03 6.58
N HIS A 236 -24.55 -9.08 6.30
CA HIS A 236 -24.54 -7.74 6.95
C HIS A 236 -25.47 -6.74 6.23
N ILE A 237 -25.96 -7.09 5.04
CA ILE A 237 -26.61 -6.11 4.13
C ILE A 237 -27.78 -5.39 4.83
N GLU A 238 -28.74 -6.13 5.40
CA GLU A 238 -30.01 -5.57 5.92
C GLU A 238 -29.64 -4.64 7.08
N VAL A 239 -28.74 -5.09 7.95
CA VAL A 239 -28.24 -4.29 9.11
C VAL A 239 -27.61 -2.97 8.62
N LEU A 240 -26.79 -3.03 7.58
CA LEU A 240 -26.06 -1.83 7.09
C LEU A 240 -27.04 -0.84 6.48
N LYS A 241 -28.03 -1.31 5.72
CA LYS A 241 -29.14 -0.48 5.17
C LYS A 241 -29.83 0.30 6.28
N LYS A 242 -30.00 -0.32 7.45
CA LYS A 242 -30.54 0.37 8.67
C LYS A 242 -29.55 1.43 9.14
N GLN A 243 -28.25 1.07 9.21
CA GLN A 243 -27.22 2.00 9.73
C GLN A 243 -27.23 3.27 8.89
N LEU A 244 -27.43 3.13 7.57
CA LEU A 244 -27.44 4.25 6.57
C LEU A 244 -28.55 5.27 6.84
N CYS A 245 -29.68 4.85 7.43
CA CYS A 245 -30.80 5.75 7.85
C CYS A 245 -30.40 6.69 8.99
N ARG A 246 -29.35 6.35 9.75
CA ARG A 246 -28.99 7.11 10.96
C ARG A 246 -28.21 8.37 10.58
N VAL A 247 -28.57 9.50 11.20
CA VAL A 247 -27.90 10.82 10.99
C VAL A 247 -26.67 10.85 11.89
N PRO A 248 -25.45 11.00 11.31
CA PRO A 248 -24.24 11.07 12.12
C PRO A 248 -24.25 12.30 13.04
N ARG A 249 -23.68 12.13 14.23
CA ARG A 249 -23.39 13.21 15.20
C ARG A 249 -21.91 13.55 15.08
N PRO A 250 -21.48 14.76 15.52
CA PRO A 250 -20.06 15.11 15.50
C PRO A 250 -19.21 14.03 16.16
N PHE A 251 -17.99 13.86 15.64
CA PHE A 251 -17.00 12.84 16.06
C PHE A 251 -16.48 13.30 17.41
N PRO A 252 -16.14 12.36 18.30
CA PRO A 252 -15.60 12.71 19.61
C PRO A 252 -14.23 13.35 19.46
N LYS A 253 -13.69 13.88 20.56
CA LYS A 253 -12.30 14.41 20.65
C LYS A 253 -11.47 13.42 21.47
N LEU A 254 -10.20 13.26 21.14
CA LEU A 254 -9.27 12.47 21.98
C LEU A 254 -8.55 13.44 22.90
N ARG A 255 -8.67 13.25 24.22
CA ARG A 255 -7.86 13.95 25.24
C ARG A 255 -6.69 13.05 25.64
N ILE A 256 -5.48 13.57 25.54
CA ILE A 256 -4.25 12.85 25.96
C ILE A 256 -3.74 13.59 27.18
N LEU A 257 -3.75 12.95 28.36
CA LEU A 257 -3.30 13.53 29.66
C LEU A 257 -1.78 13.60 29.73
N MET A 258 -1.09 12.63 29.15
CA MET A 258 0.39 12.62 29.14
C MET A 258 0.90 11.68 28.06
N ALA A 259 2.17 11.85 27.68
CA ALA A 259 2.84 10.94 26.75
C ALA A 259 4.10 10.45 27.44
N PRO A 260 4.31 9.13 27.57
CA PRO A 260 5.51 8.58 28.19
C PRO A 260 6.76 8.68 27.29
N GLU A 261 7.93 8.33 27.84
CA GLU A 261 9.22 8.49 27.11
C GLU A 261 9.21 7.52 25.92
N LYS A 262 8.68 6.31 26.13
CA LYS A 262 8.65 5.23 25.11
C LYS A 262 7.19 4.94 24.77
N ILE A 263 6.88 4.85 23.47
CA ILE A 263 5.47 4.71 22.99
C ILE A 263 4.85 3.41 23.53
N GLU A 264 5.63 2.35 23.70
CA GLU A 264 5.12 1.02 24.17
C GLU A 264 4.65 1.09 25.64
N ASP A 265 4.94 2.19 26.34
CA ASP A 265 4.57 2.37 27.76
C ASP A 265 3.25 3.16 27.89
N PHE A 266 2.60 3.55 26.78
CA PHE A 266 1.23 4.13 26.79
C PHE A 266 0.29 3.13 27.46
N THR A 267 -0.63 3.61 28.28
CA THR A 267 -1.75 2.78 28.82
C THR A 267 -3.09 3.48 28.56
N ILE A 268 -4.15 2.70 28.52
CA ILE A 268 -5.53 3.23 28.29
C ILE A 268 -5.85 4.43 29.20
N ASP A 269 -5.29 4.49 30.41
CA ASP A 269 -5.61 5.59 31.37
C ASP A 269 -5.01 6.92 30.90
N MET A 270 -4.12 6.92 29.92
CA MET A 270 -3.33 8.14 29.59
C MET A 270 -4.11 9.04 28.61
N PHE A 271 -5.28 8.60 28.16
CA PHE A 271 -6.08 9.29 27.14
C PHE A 271 -7.51 8.75 27.24
N TYR A 272 -8.50 9.50 26.74
CA TYR A 272 -9.93 9.09 26.72
C TYR A 272 -10.68 9.87 25.62
N LEU A 273 -11.84 9.33 25.25
CA LEU A 273 -12.79 9.96 24.29
C LEU A 273 -13.66 10.93 25.06
N GLU A 274 -13.74 12.16 24.59
CA GLU A 274 -14.61 13.25 25.14
C GLU A 274 -15.75 13.50 24.15
N GLY A 275 -16.99 13.26 24.54
CA GLY A 275 -18.17 13.62 23.74
C GLY A 275 -18.59 12.53 22.78
N TYR A 276 -18.24 11.27 23.04
CA TYR A 276 -18.61 10.17 22.13
C TYR A 276 -20.09 9.83 22.33
N GLN A 277 -20.95 10.16 21.37
CA GLN A 277 -22.43 10.04 21.53
C GLN A 277 -23.00 9.13 20.46
N PRO A 278 -22.69 7.82 20.45
CA PRO A 278 -23.20 6.92 19.43
C PRO A 278 -24.71 6.67 19.56
N HIS A 279 -25.31 6.07 18.54
CA HIS A 279 -26.74 5.69 18.49
C HIS A 279 -26.95 4.32 19.17
N SER A 280 -28.18 3.79 19.06
CA SER A 280 -28.71 2.50 19.61
C SER A 280 -27.96 1.23 19.18
N GLY A 281 -28.32 0.09 19.79
CA GLY A 281 -27.59 -1.18 19.52
C GLY A 281 -28.06 -1.93 18.28
N ASN A 282 -27.11 -2.40 17.46
CA ASN A 282 -27.38 -3.19 16.22
C ASN A 282 -26.18 -4.11 15.94
N LEU A 283 -26.44 -5.41 15.77
CA LEU A 283 -25.37 -6.45 15.61
C LEU A 283 -24.99 -6.68 14.14
N GLN A 284 -23.84 -7.32 13.96
CA GLN A 284 -23.22 -7.70 12.66
C GLN A 284 -22.34 -8.90 12.97
N MET A 285 -22.75 -10.09 12.59
CA MET A 285 -21.97 -11.30 12.93
C MET A 285 -20.91 -11.54 11.86
N LYS A 286 -19.74 -12.04 12.25
CA LYS A 286 -18.62 -12.24 11.29
C LYS A 286 -18.59 -13.73 10.95
N MET A 287 -18.29 -14.14 9.72
CA MET A 287 -18.40 -15.59 9.37
C MET A 287 -17.02 -16.14 8.96
N ALA A 288 -16.76 -17.40 9.36
CA ALA A 288 -15.58 -18.23 8.99
C ALA A 288 -16.02 -19.71 8.99
N VAL A 289 -15.12 -20.64 9.34
CA VAL A 289 -15.26 -22.14 9.31
C VAL A 289 -15.70 -22.58 7.90
N MET B 1 -12.77 13.47 -13.57
CA MET B 1 -13.05 13.02 -14.92
C MET B 1 -12.30 11.76 -15.16
N GLU B 2 -12.57 11.09 -16.25
CA GLU B 2 -11.96 9.81 -16.49
C GLU B 2 -10.74 9.91 -17.39
N GLY B 3 -9.89 8.91 -17.36
CA GLY B 3 -8.74 8.86 -18.23
C GLY B 3 -7.60 9.76 -17.90
N GLU B 4 -7.03 10.40 -18.90
CA GLU B 4 -5.85 11.26 -18.74
C GLU B 4 -6.19 12.45 -17.86
N HIS B 5 -7.48 12.81 -17.75
CA HIS B 5 -7.94 13.97 -16.95
C HIS B 5 -7.60 13.68 -15.50
N GLN B 6 -7.55 12.39 -15.13
CA GLN B 6 -7.13 11.96 -13.77
C GLN B 6 -5.74 12.51 -13.46
N TYR B 7 -4.83 12.42 -14.43
CA TYR B 7 -3.44 12.90 -14.24
C TYR B 7 -3.39 14.44 -14.25
N LEU B 8 -4.06 15.06 -15.20
CA LEU B 8 -3.99 16.53 -15.36
C LEU B 8 -4.62 17.18 -14.13
N ASN B 9 -5.69 16.58 -13.60
CA ASN B 9 -6.34 17.11 -12.38
C ASN B 9 -5.37 17.03 -11.20
N LEU B 10 -4.64 15.92 -11.06
CA LEU B 10 -3.64 15.74 -9.99
C LEU B 10 -2.59 16.83 -10.09
N VAL B 11 -2.06 17.09 -11.28
CA VAL B 11 -1.06 18.16 -11.49
C VAL B 11 -1.63 19.49 -10.97
N ARG B 12 -2.86 19.83 -11.39
CA ARG B 12 -3.51 21.12 -11.02
C ARG B 12 -3.59 21.18 -9.49
N GLU B 13 -4.09 20.12 -8.88
CA GLU B 13 -4.28 20.05 -7.41
C GLU B 13 -2.95 20.30 -6.69
N ILE B 14 -1.86 19.73 -7.17
CA ILE B 14 -0.55 19.95 -6.50
C ILE B 14 -0.14 21.42 -6.70
N LEU B 15 -0.33 21.98 -7.91
CA LEU B 15 0.07 23.40 -8.19
C LEU B 15 -0.74 24.36 -7.32
N GLU B 16 -2.03 24.09 -7.06
CA GLU B 16 -2.99 25.01 -6.40
C GLU B 16 -3.06 24.80 -4.88
N ARG B 17 -2.89 23.57 -4.38
CA ARG B 17 -3.04 23.25 -2.94
C ARG B 17 -1.74 22.62 -2.39
N GLY B 18 -0.75 22.37 -3.23
CA GLY B 18 0.46 21.71 -2.76
C GLY B 18 1.14 22.51 -1.67
N VAL B 19 1.79 21.84 -0.73
CA VAL B 19 2.63 22.48 0.31
C VAL B 19 4.08 22.56 -0.15
N LYS B 20 4.71 23.72 0.06
CA LYS B 20 6.16 23.95 -0.25
C LYS B 20 6.97 23.13 0.75
N LYS B 21 8.07 22.57 0.29
CA LYS B 21 8.81 21.48 0.98
C LYS B 21 10.18 21.38 0.31
N ASP B 22 11.22 22.01 0.86
CA ASP B 22 12.62 21.59 0.58
C ASP B 22 12.71 20.10 0.91
N ASP B 23 13.37 19.38 -0.01
CA ASP B 23 13.40 17.90 -0.02
C ASP B 23 14.83 17.36 0.04
N ARG B 24 14.95 16.04 -0.09
CA ARG B 24 16.18 15.30 -0.01
C ARG B 24 17.40 16.06 -0.47
N THR B 25 17.24 16.86 -1.52
CA THR B 25 18.40 17.58 -2.10
C THR B 25 18.07 19.06 -2.32
N GLY B 26 19.10 19.92 -2.39
CA GLY B 26 18.95 21.38 -2.56
C GLY B 26 18.03 21.83 -3.70
N THR B 27 16.72 21.75 -3.48
CA THR B 27 15.65 22.12 -4.43
C THR B 27 14.31 22.07 -3.69
N GLY B 28 13.23 22.59 -4.28
CA GLY B 28 11.94 22.51 -3.59
C GLY B 28 10.92 21.72 -4.37
N THR B 29 9.83 21.36 -3.70
CA THR B 29 8.66 20.67 -4.27
C THR B 29 7.41 21.35 -3.75
N LEU B 30 6.34 21.27 -4.53
CA LEU B 30 4.96 21.35 -4.01
C LEU B 30 4.51 19.91 -3.82
N SER B 31 3.81 19.61 -2.73
CA SER B 31 3.53 18.22 -2.28
C SER B 31 2.12 18.11 -1.69
N ILE B 32 1.41 17.03 -2.01
CA ILE B 32 0.20 16.57 -1.26
C ILE B 32 0.37 15.09 -0.92
N PHE B 33 -0.48 14.56 -0.07
CA PHE B 33 -0.35 13.19 0.47
C PHE B 33 -1.62 12.36 0.23
N GLY B 34 -1.50 11.21 -0.38
CA GLY B 34 -2.60 10.23 -0.47
C GLY B 34 -3.52 10.35 -1.69
N PRO B 35 -3.18 11.02 -2.81
CA PRO B 35 -4.08 11.09 -3.95
C PRO B 35 -4.06 9.82 -4.78
N GLN B 36 -5.16 9.60 -5.50
CA GLN B 36 -5.43 8.32 -6.20
C GLN B 36 -5.83 8.64 -7.64
N MET B 37 -5.44 7.78 -8.58
CA MET B 37 -5.91 7.89 -9.98
C MET B 37 -6.36 6.53 -10.41
N ARG B 38 -7.46 6.46 -11.17
CA ARG B 38 -8.05 5.23 -11.73
C ARG B 38 -8.06 5.35 -13.25
N PHE B 39 -7.67 4.29 -13.92
CA PHE B 39 -7.57 4.22 -15.41
C PHE B 39 -8.22 2.92 -15.85
N SER B 40 -9.13 3.01 -16.82
CA SER B 40 -9.75 1.84 -17.50
C SER B 40 -8.73 1.21 -18.44
N LEU B 41 -8.61 -0.11 -18.38
CA LEU B 41 -7.83 -0.92 -19.35
C LEU B 41 -8.78 -1.68 -20.29
N ARG B 42 -10.07 -1.33 -20.27
CA ARG B 42 -11.13 -2.01 -21.05
C ARG B 42 -11.01 -1.59 -22.51
N ASP B 43 -11.53 -2.41 -23.43
CA ASP B 43 -11.41 -2.22 -24.90
C ASP B 43 -9.94 -1.95 -25.27
N ASP B 44 -9.03 -2.71 -24.65
CA ASP B 44 -7.59 -2.83 -24.98
C ASP B 44 -6.86 -1.52 -24.68
N THR B 45 -7.49 -0.61 -23.95
CA THR B 45 -6.94 0.75 -23.70
C THR B 45 -5.73 0.61 -22.79
N ILE B 46 -4.74 1.44 -23.00
CA ILE B 46 -3.57 1.55 -22.08
C ILE B 46 -3.26 3.04 -21.87
N PRO B 47 -3.24 3.51 -20.61
CA PRO B 47 -3.14 4.94 -20.33
C PRO B 47 -1.71 5.48 -20.47
N VAL B 48 -1.23 5.52 -21.71
CA VAL B 48 0.02 6.23 -22.10
C VAL B 48 -0.34 7.67 -22.46
N LEU B 49 0.21 8.63 -21.71
CA LEU B 49 -0.19 10.05 -21.82
C LEU B 49 -0.11 10.52 -23.28
N THR B 50 -1.10 11.31 -23.73
CA THR B 50 -1.13 11.96 -25.06
C THR B 50 -0.76 13.45 -24.96
N THR B 51 -0.75 14.05 -23.77
CA THR B 51 -0.41 15.49 -23.60
C THR B 51 1.11 15.66 -23.56
N LYS B 52 1.86 14.56 -23.51
CA LYS B 52 3.34 14.52 -23.48
C LYS B 52 3.76 13.17 -24.05
N LYS B 53 4.74 13.16 -24.95
CA LYS B 53 5.22 11.89 -25.54
C LYS B 53 5.93 11.10 -24.44
N ILE B 54 5.53 9.85 -24.22
CA ILE B 54 6.15 8.94 -23.21
C ILE B 54 7.12 8.04 -23.97
N PHE B 55 8.27 7.78 -23.37
CA PHE B 55 9.32 6.93 -23.97
C PHE B 55 8.92 5.47 -23.83
N TRP B 56 7.98 5.03 -24.67
CA TRP B 56 7.30 3.71 -24.61
C TRP B 56 8.32 2.57 -24.59
N ARG B 57 9.31 2.57 -25.48
CA ARG B 57 10.37 1.54 -25.55
C ARG B 57 11.10 1.39 -24.20
N GLY B 58 11.34 2.51 -23.52
CA GLY B 58 11.88 2.51 -22.15
C GLY B 58 10.95 1.79 -21.17
N VAL B 59 9.67 2.10 -21.21
CA VAL B 59 8.65 1.46 -20.32
C VAL B 59 8.74 -0.05 -20.49
N VAL B 60 8.76 -0.51 -21.73
CA VAL B 60 8.60 -1.94 -22.07
C VAL B 60 9.84 -2.70 -21.58
N GLU B 61 11.03 -2.19 -21.96
CA GLU B 61 12.33 -2.86 -21.71
C GLU B 61 12.63 -2.87 -20.20
N GLU B 62 12.29 -1.81 -19.46
CA GLU B 62 12.47 -1.75 -17.99
C GLU B 62 11.54 -2.75 -17.32
N LEU B 63 10.30 -2.87 -17.80
CA LEU B 63 9.32 -3.79 -17.17
C LEU B 63 9.77 -5.24 -17.46
N LEU B 64 10.20 -5.54 -18.68
CA LEU B 64 10.62 -6.92 -19.02
C LEU B 64 11.84 -7.28 -18.16
N TRP B 65 12.74 -6.32 -17.99
CA TRP B 65 13.89 -6.35 -17.05
C TRP B 65 13.41 -6.60 -15.60
N PHE B 66 12.42 -5.88 -15.09
CA PHE B 66 11.84 -6.20 -13.76
C PHE B 66 11.33 -7.65 -13.76
N ILE B 67 10.56 -8.03 -14.77
CA ILE B 67 9.82 -9.32 -14.75
C ILE B 67 10.83 -10.48 -14.72
N ARG B 68 12.03 -10.24 -15.26
CA ARG B 68 13.10 -11.27 -15.35
C ARG B 68 13.79 -11.40 -13.98
N GLY B 69 13.67 -10.41 -13.11
CA GLY B 69 14.39 -10.38 -11.82
C GLY B 69 15.77 -9.79 -11.98
N ASN B 70 15.99 -9.09 -13.06
CA ASN B 70 17.30 -8.51 -13.42
C ASN B 70 17.53 -7.22 -12.60
N THR B 71 18.79 -6.98 -12.27
CA THR B 71 19.25 -5.84 -11.45
C THR B 71 20.48 -5.18 -12.08
N ASP B 72 20.92 -5.62 -13.28
CA ASP B 72 22.10 -5.08 -13.99
C ASP B 72 21.69 -3.90 -14.88
N ALA B 73 22.11 -2.68 -14.55
CA ALA B 73 21.75 -1.47 -15.31
C ALA B 73 22.37 -1.55 -16.70
N LYS B 74 23.50 -2.26 -16.83
CA LYS B 74 24.25 -2.38 -18.11
C LYS B 74 23.38 -3.13 -19.15
N GLU B 75 22.54 -4.08 -18.74
CA GLU B 75 21.59 -4.78 -19.64
C GLU B 75 20.63 -3.77 -20.30
N LEU B 76 20.25 -2.73 -19.57
CA LEU B 76 19.35 -1.71 -20.13
C LEU B 76 20.14 -0.78 -21.04
N ALA B 77 21.37 -0.42 -20.66
CA ALA B 77 22.25 0.49 -21.44
C ALA B 77 22.55 -0.12 -22.82
N LYS B 78 22.67 -1.46 -22.90
CA LYS B 78 22.90 -2.22 -24.15
C LYS B 78 21.74 -2.00 -25.13
N LYS B 79 20.51 -1.84 -24.62
CA LYS B 79 19.31 -1.58 -25.46
C LYS B 79 19.07 -0.06 -25.56
N LYS B 80 20.09 0.74 -25.28
CA LYS B 80 20.10 2.22 -25.36
C LYS B 80 18.98 2.79 -24.48
N ILE B 81 18.69 2.11 -23.36
CA ILE B 81 17.87 2.61 -22.21
C ILE B 81 18.83 3.10 -21.13
N HIS B 82 18.78 4.39 -20.81
CA HIS B 82 19.80 5.08 -19.97
C HIS B 82 19.22 5.44 -18.59
N ILE B 83 18.01 4.98 -18.24
CA ILE B 83 17.24 5.53 -17.09
C ILE B 83 17.87 5.09 -15.77
N TRP B 84 18.64 4.01 -15.74
CA TRP B 84 19.24 3.42 -14.51
C TRP B 84 20.77 3.62 -14.48
N ASN B 85 21.36 4.25 -15.48
CA ASN B 85 22.83 4.45 -15.58
C ASN B 85 23.35 5.27 -14.39
N ALA B 86 22.75 6.44 -14.14
CA ALA B 86 23.08 7.36 -13.02
C ALA B 86 23.19 6.60 -11.69
N ASN B 87 22.16 5.82 -11.30
CA ASN B 87 22.04 5.15 -9.98
C ASN B 87 22.92 3.90 -9.89
N GLY B 88 23.42 3.42 -11.02
CA GLY B 88 24.36 2.27 -11.07
C GLY B 88 25.81 2.68 -11.30
N SER B 89 26.08 3.99 -11.37
CA SER B 89 27.43 4.56 -11.60
C SER B 89 28.34 4.33 -10.38
N ARG B 90 29.65 4.21 -10.64
CA ARG B 90 30.72 4.14 -9.62
C ARG B 90 30.41 5.15 -8.51
N GLU B 91 30.27 6.42 -8.87
CA GLU B 91 30.11 7.53 -7.90
C GLU B 91 28.91 7.25 -7.00
N PHE B 92 27.77 6.92 -7.59
CA PHE B 92 26.49 6.81 -6.85
C PHE B 92 26.57 5.61 -5.91
N LEU B 93 27.07 4.48 -6.40
CA LEU B 93 27.22 3.28 -5.55
C LEU B 93 28.14 3.59 -4.36
N ASP B 94 29.21 4.33 -4.58
CA ASP B 94 30.20 4.69 -3.53
C ASP B 94 29.52 5.59 -2.49
N SER B 95 28.74 6.59 -2.95
CA SER B 95 28.00 7.53 -2.06
C SER B 95 27.03 6.78 -1.15
N ARG B 96 26.68 5.55 -1.53
CA ARG B 96 25.72 4.67 -0.81
C ARG B 96 26.48 3.61 -0.02
N GLY B 97 27.82 3.66 0.05
CA GLY B 97 28.63 2.72 0.84
C GLY B 97 28.72 1.35 0.18
N LEU B 98 28.48 1.25 -1.12
CA LEU B 98 28.51 -0.03 -1.86
C LEU B 98 29.82 -0.09 -2.64
N TYR B 99 30.93 -0.09 -1.94
CA TYR B 99 32.27 0.00 -2.55
C TYR B 99 32.63 -1.31 -3.25
N ASP B 100 32.16 -2.45 -2.76
CA ASP B 100 32.50 -3.77 -3.37
C ASP B 100 31.48 -4.14 -4.44
N ARG B 101 30.73 -3.17 -4.95
CA ARG B 101 29.66 -3.42 -5.96
C ARG B 101 30.17 -2.95 -7.32
N ALA B 102 30.13 -3.81 -8.33
CA ALA B 102 30.56 -3.49 -9.71
C ALA B 102 29.63 -2.44 -10.32
N GLU B 103 30.15 -1.56 -11.14
CA GLU B 103 29.37 -0.50 -11.81
C GLU B 103 28.16 -1.15 -12.51
N GLY B 104 26.96 -0.59 -12.32
CA GLY B 104 25.70 -1.09 -12.92
C GLY B 104 24.96 -2.10 -12.06
N ASP B 105 25.58 -2.67 -11.03
CA ASP B 105 24.94 -3.65 -10.14
C ASP B 105 24.14 -2.88 -9.07
N LEU B 106 22.83 -2.73 -9.26
CA LEU B 106 21.94 -1.87 -8.42
C LEU B 106 21.57 -2.54 -7.09
N GLY B 107 21.83 -3.83 -6.95
CA GLY B 107 21.47 -4.59 -5.74
C GLY B 107 20.13 -5.24 -5.96
N PRO B 108 19.48 -5.78 -4.90
CA PRO B 108 18.21 -6.49 -5.05
C PRO B 108 17.00 -5.56 -5.14
N VAL B 109 17.00 -4.68 -6.13
CA VAL B 109 15.90 -3.74 -6.47
C VAL B 109 14.75 -4.49 -7.17
N TYR B 110 13.59 -3.86 -7.17
CA TYR B 110 12.35 -4.22 -7.81
C TYR B 110 12.13 -5.64 -8.23
N GLY B 111 12.46 -5.98 -9.44
CA GLY B 111 12.30 -7.32 -9.93
C GLY B 111 12.85 -8.41 -9.08
N PHE B 112 14.05 -8.25 -8.55
CA PHE B 112 14.62 -9.22 -7.67
C PHE B 112 13.68 -9.59 -6.56
N GLN B 113 13.03 -8.60 -6.00
CA GLN B 113 12.05 -8.82 -4.99
C GLN B 113 10.82 -9.48 -5.52
N TRP B 114 10.45 -9.21 -6.75
CA TRP B 114 9.27 -9.77 -7.32
C TRP B 114 9.38 -11.25 -7.45
N ARG B 115 10.54 -11.71 -7.86
CA ARG B 115 10.78 -13.12 -8.26
C ARG B 115 11.61 -13.89 -7.23
N HIS B 116 12.24 -13.23 -6.27
CA HIS B 116 13.24 -13.84 -5.34
C HIS B 116 13.22 -13.20 -3.95
N PHE B 117 12.06 -12.76 -3.45
CA PHE B 117 11.94 -12.11 -2.13
C PHE B 117 12.60 -13.00 -1.08
N GLY B 118 13.55 -12.44 -0.32
CA GLY B 118 14.19 -13.12 0.81
C GLY B 118 15.42 -13.94 0.40
N ALA B 119 15.67 -14.11 -0.89
CA ALA B 119 16.90 -14.79 -1.33
C ALA B 119 18.12 -13.91 -1.03
N GLU B 120 19.23 -14.51 -0.61
CA GLU B 120 20.52 -13.83 -0.35
C GLU B 120 21.08 -13.31 -1.67
N TYR B 121 21.44 -12.04 -1.72
CA TYR B 121 21.96 -11.38 -2.93
C TYR B 121 23.48 -11.55 -2.97
N ASP B 122 24.00 -11.87 -4.15
CA ASP B 122 25.45 -11.96 -4.44
C ASP B 122 25.82 -10.79 -5.36
N THR B 123 25.73 -10.99 -6.66
CA THR B 123 25.87 -9.92 -7.69
C THR B 123 24.70 -10.02 -8.67
N CYS B 124 24.56 -9.03 -9.55
CA CYS B 124 23.46 -9.01 -10.55
C CYS B 124 23.65 -10.13 -11.58
N SER B 125 24.86 -10.65 -11.79
CA SER B 125 25.10 -11.74 -12.78
C SER B 125 24.94 -13.13 -12.13
N SER B 126 24.71 -13.26 -10.81
CA SER B 126 24.48 -14.58 -10.15
C SER B 126 23.22 -15.24 -10.73
N ASP B 127 23.06 -16.54 -10.50
CA ASP B 127 21.91 -17.35 -10.96
C ASP B 127 20.96 -17.47 -9.77
N TYR B 128 19.80 -16.83 -9.82
CA TYR B 128 18.85 -16.78 -8.66
C TYR B 128 17.74 -17.82 -8.83
N THR B 129 17.77 -18.56 -9.94
CA THR B 129 16.80 -19.62 -10.28
C THR B 129 16.43 -20.44 -9.04
N GLY B 130 15.13 -20.46 -8.71
CA GLY B 130 14.54 -21.23 -7.59
C GLY B 130 14.86 -20.67 -6.20
N LYS B 131 15.50 -19.50 -6.10
CA LYS B 131 15.89 -18.88 -4.80
C LYS B 131 14.85 -17.82 -4.42
N GLY B 132 14.50 -17.77 -3.13
CA GLY B 132 13.54 -16.84 -2.54
C GLY B 132 12.13 -17.11 -3.01
N ILE B 133 11.18 -16.28 -2.60
CA ILE B 133 9.73 -16.42 -2.94
C ILE B 133 9.47 -15.72 -4.28
N ASP B 134 8.95 -16.46 -5.25
CA ASP B 134 8.52 -15.92 -6.57
C ASP B 134 7.08 -15.44 -6.41
N GLN B 135 6.89 -14.20 -5.96
CA GLN B 135 5.56 -13.58 -5.70
C GLN B 135 4.77 -13.52 -7.01
N LEU B 136 5.41 -13.13 -8.12
CA LEU B 136 4.70 -12.93 -9.41
C LEU B 136 4.15 -14.28 -9.90
N ALA B 137 4.96 -15.33 -9.88
CA ALA B 137 4.54 -16.68 -10.32
C ALA B 137 3.40 -17.15 -9.42
N ASN B 138 3.48 -16.88 -8.11
CA ASN B 138 2.47 -17.34 -7.12
C ASN B 138 1.14 -16.67 -7.46
N ILE B 139 1.19 -15.38 -7.81
CA ILE B 139 -0.02 -14.56 -8.12
C ILE B 139 -0.64 -15.12 -9.41
N LEU B 140 0.18 -15.35 -10.44
CA LEU B 140 -0.30 -15.89 -11.74
C LEU B 140 -1.05 -17.22 -11.50
N LYS B 141 -0.51 -18.10 -10.65
CA LYS B 141 -1.11 -19.42 -10.32
C LYS B 141 -2.43 -19.21 -9.57
N THR B 142 -2.46 -18.29 -8.59
CA THR B 142 -3.66 -17.94 -7.80
C THR B 142 -4.75 -17.36 -8.74
N LEU B 143 -4.39 -16.65 -9.82
CA LEU B 143 -5.38 -16.03 -10.73
C LEU B 143 -6.09 -17.11 -11.56
N ARG B 144 -5.38 -18.20 -11.89
CA ARG B 144 -5.94 -19.38 -12.61
C ARG B 144 -6.85 -20.17 -11.64
N GLU B 145 -6.35 -20.52 -10.44
CA GLU B 145 -6.96 -21.52 -9.52
C GLU B 145 -7.95 -20.85 -8.57
N ASN B 146 -7.74 -19.61 -8.13
CA ASN B 146 -8.53 -19.00 -7.04
C ASN B 146 -8.55 -17.47 -7.17
N PRO B 147 -9.17 -16.93 -8.25
CA PRO B 147 -9.15 -15.49 -8.54
C PRO B 147 -9.83 -14.58 -7.50
N ASP B 148 -10.59 -15.14 -6.57
CA ASP B 148 -11.33 -14.34 -5.54
C ASP B 148 -10.44 -14.04 -4.33
N ASP B 149 -9.24 -14.64 -4.29
CA ASP B 149 -8.24 -14.52 -3.20
C ASP B 149 -7.91 -13.03 -2.95
N ARG B 150 -7.83 -12.64 -1.70
CA ARG B 150 -7.59 -11.27 -1.34
C ARG B 150 -6.24 -11.04 -0.73
N ARG B 151 -5.28 -11.91 -1.01
CA ARG B 151 -3.86 -11.77 -0.57
C ARG B 151 -2.90 -11.80 -1.78
N MET B 152 -3.34 -11.35 -2.96
CA MET B 152 -2.50 -11.35 -4.19
C MET B 152 -1.68 -10.07 -4.20
N ILE B 153 -0.64 -10.07 -3.37
CA ILE B 153 0.25 -8.93 -3.05
C ILE B 153 1.61 -9.27 -3.64
N MET B 154 2.18 -8.35 -4.42
CA MET B 154 3.58 -8.41 -4.89
C MET B 154 4.26 -7.16 -4.35
N THR B 155 5.31 -7.32 -3.54
CA THR B 155 5.96 -6.15 -2.89
C THR B 155 7.45 -6.15 -3.21
N ALA B 156 8.02 -4.97 -3.39
CA ALA B 156 9.48 -4.72 -3.45
C ALA B 156 10.01 -4.20 -2.10
N TRP B 157 9.13 -3.90 -1.15
CA TRP B 157 9.51 -3.25 0.13
C TRP B 157 10.00 -4.33 1.10
N ASN B 158 11.31 -4.55 1.14
CA ASN B 158 11.99 -5.55 2.00
C ASN B 158 12.91 -4.82 2.97
N PRO B 159 12.41 -4.44 4.15
CA PRO B 159 13.19 -3.63 5.10
C PRO B 159 14.65 -4.08 5.29
N MET B 160 14.91 -5.39 5.17
CA MET B 160 16.26 -6.00 5.35
C MET B 160 17.17 -5.78 4.16
N ASP B 161 16.63 -5.55 2.94
CA ASP B 161 17.45 -5.41 1.71
C ASP B 161 17.67 -3.94 1.36
N LEU B 162 16.98 -2.99 2.02
CA LEU B 162 17.03 -1.57 1.61
C LEU B 162 18.49 -1.08 1.57
N HIS B 163 19.35 -1.45 2.53
CA HIS B 163 20.77 -0.96 2.61
C HIS B 163 21.56 -1.46 1.38
N LEU B 164 21.25 -2.64 0.83
CA LEU B 164 21.95 -3.22 -0.36
C LEU B 164 21.42 -2.60 -1.66
N MET B 165 20.32 -1.85 -1.65
CA MET B 165 19.74 -1.29 -2.89
C MET B 165 20.42 0.06 -3.18
N ALA B 166 20.62 0.35 -4.46
CA ALA B 166 21.11 1.67 -4.93
C ALA B 166 20.14 2.77 -4.41
N LEU B 167 18.83 2.52 -4.57
CA LEU B 167 17.70 3.35 -4.08
C LEU B 167 16.64 2.43 -3.48
N PRO B 168 15.98 2.85 -2.38
CA PRO B 168 14.82 2.11 -1.87
C PRO B 168 13.67 2.27 -2.87
N PRO B 169 12.76 1.29 -2.97
CA PRO B 169 11.72 1.33 -4.00
C PRO B 169 10.74 2.51 -3.84
N CYS B 170 10.24 3.02 -4.95
CA CYS B 170 9.10 3.95 -4.98
C CYS B 170 7.80 3.19 -5.20
N HIS B 171 7.69 2.52 -6.35
CA HIS B 171 6.54 1.67 -6.69
C HIS B 171 6.79 0.39 -5.90
N MET B 172 6.18 0.29 -4.72
CA MET B 172 6.69 -0.62 -3.67
C MET B 172 5.78 -1.82 -3.49
N THR B 173 4.47 -1.69 -3.75
CA THR B 173 3.49 -2.79 -3.46
C THR B 173 2.32 -2.72 -4.45
N ALA B 174 2.05 -3.85 -5.11
CA ALA B 174 0.90 -4.02 -6.02
C ALA B 174 -0.01 -5.11 -5.46
N GLN B 175 -1.32 -4.90 -5.55
CA GLN B 175 -2.32 -5.94 -5.25
C GLN B 175 -3.12 -6.21 -6.52
N PHE B 176 -3.50 -7.46 -6.74
CA PHE B 176 -4.33 -7.85 -7.89
C PHE B 176 -5.69 -8.33 -7.39
N TYR B 177 -6.72 -8.17 -8.23
CA TYR B 177 -8.14 -8.39 -7.91
C TYR B 177 -8.87 -8.81 -9.20
N VAL B 178 -9.90 -9.62 -9.06
CA VAL B 178 -10.69 -10.15 -10.20
C VAL B 178 -12.19 -10.03 -9.88
N ALA B 179 -12.95 -9.57 -10.87
CA ALA B 179 -14.42 -9.42 -10.80
C ALA B 179 -14.94 -9.40 -12.23
N ASN B 180 -15.89 -10.28 -12.57
CA ASN B 180 -16.46 -10.48 -13.94
C ASN B 180 -15.34 -10.80 -14.94
N GLY B 181 -14.39 -11.67 -14.57
CA GLY B 181 -13.28 -12.08 -15.43
C GLY B 181 -12.49 -10.89 -15.99
N GLU B 182 -12.42 -9.79 -15.23
CA GLU B 182 -11.54 -8.62 -15.48
C GLU B 182 -10.45 -8.58 -14.39
N LEU B 183 -9.18 -8.41 -14.78
CA LEU B 183 -8.03 -8.27 -13.85
C LEU B 183 -7.74 -6.80 -13.59
N SER B 184 -7.75 -6.41 -12.31
CA SER B 184 -7.35 -5.07 -11.86
C SER B 184 -6.09 -5.15 -10.99
N CYS B 185 -5.34 -4.07 -11.02
CA CYS B 185 -4.11 -3.91 -10.23
C CYS B 185 -4.18 -2.58 -9.51
N GLN B 186 -3.97 -2.57 -8.19
CA GLN B 186 -3.67 -1.32 -7.44
C GLN B 186 -2.19 -1.29 -7.09
N LEU B 187 -1.54 -0.15 -7.38
CA LEU B 187 -0.14 0.12 -7.03
C LEU B 187 -0.11 1.13 -5.88
N TYR B 188 0.59 0.78 -4.81
CA TYR B 188 1.00 1.74 -3.74
C TYR B 188 2.40 2.25 -4.09
N GLN B 189 2.51 3.55 -4.35
CA GLN B 189 3.76 4.30 -4.61
C GLN B 189 3.95 5.34 -3.51
N ARG B 190 4.94 5.11 -2.65
CA ARG B 190 5.21 5.90 -1.41
C ARG B 190 5.66 7.31 -1.75
N SER B 191 6.26 7.49 -2.92
CA SER B 191 6.81 8.78 -3.42
C SER B 191 6.70 8.86 -4.94
N GLY B 192 6.20 9.98 -5.46
CA GLY B 192 5.92 10.20 -6.88
C GLY B 192 6.36 11.57 -7.36
N ASP B 193 7.34 11.60 -8.25
CA ASP B 193 7.64 12.76 -9.13
C ASP B 193 6.56 12.81 -10.21
N VAL B 194 5.56 13.65 -9.99
CA VAL B 194 4.32 13.69 -10.81
C VAL B 194 4.64 14.19 -12.23
N GLY B 195 5.64 15.07 -12.35
CA GLY B 195 6.09 15.61 -13.64
C GLY B 195 6.75 14.55 -14.50
N LEU B 196 7.76 13.87 -13.96
CA LEU B 196 8.63 13.01 -14.78
C LEU B 196 8.29 11.51 -14.63
N GLY B 197 8.21 10.98 -13.39
CA GLY B 197 8.24 9.53 -13.14
C GLY B 197 6.87 8.88 -13.17
N VAL B 198 5.84 9.54 -12.63
CA VAL B 198 4.45 8.99 -12.48
C VAL B 198 3.84 8.61 -13.84
N PRO B 199 3.93 9.44 -14.91
CA PRO B 199 3.45 9.04 -16.24
C PRO B 199 4.06 7.72 -16.71
N PHE B 200 5.37 7.58 -16.52
CA PHE B 200 6.16 6.35 -16.80
C PHE B 200 5.61 5.17 -15.99
N ASN B 201 5.40 5.36 -14.69
CA ASN B 201 4.94 4.32 -13.74
C ASN B 201 3.54 3.84 -14.14
N ILE B 202 2.67 4.77 -14.57
CA ILE B 202 1.27 4.48 -15.02
C ILE B 202 1.35 3.57 -16.24
N ALA B 203 2.24 3.87 -17.17
CA ALA B 203 2.42 3.04 -18.38
C ALA B 203 2.94 1.66 -17.98
N SER B 204 3.91 1.62 -17.07
CA SER B 204 4.60 0.38 -16.62
C SER B 204 3.60 -0.60 -16.01
N TYR B 205 2.80 -0.18 -15.05
CA TYR B 205 1.93 -1.11 -14.28
C TYR B 205 0.66 -1.41 -15.10
N SER B 206 0.21 -0.48 -15.94
CA SER B 206 -0.86 -0.76 -16.92
C SER B 206 -0.41 -1.89 -17.84
N LEU B 207 0.79 -1.80 -18.41
CA LEU B 207 1.32 -2.86 -19.30
C LEU B 207 1.37 -4.20 -18.56
N LEU B 208 1.94 -4.23 -17.36
CA LEU B 208 2.04 -5.44 -16.50
C LEU B 208 0.65 -6.07 -16.38
N THR B 209 -0.38 -5.26 -16.13
CA THR B 209 -1.77 -5.77 -15.93
C THR B 209 -2.24 -6.42 -17.24
N HIS B 210 -2.10 -5.73 -18.37
CA HIS B 210 -2.40 -6.30 -19.71
C HIS B 210 -1.68 -7.63 -19.89
N LEU B 211 -0.36 -7.67 -19.64
CA LEU B 211 0.48 -8.87 -19.87
C LEU B 211 0.00 -10.01 -18.96
N MET B 212 -0.17 -9.73 -17.67
CA MET B 212 -0.62 -10.73 -16.67
C MET B 212 -2.01 -11.28 -17.06
N ALA B 213 -2.90 -10.40 -17.50
CA ALA B 213 -4.27 -10.79 -17.92
C ALA B 213 -4.14 -11.84 -19.05
N SER B 214 -3.37 -11.58 -20.10
CA SER B 214 -3.20 -12.51 -21.25
C SER B 214 -2.53 -13.83 -20.78
N MET B 215 -1.70 -13.83 -19.76
CA MET B 215 -1.10 -15.08 -19.21
C MET B 215 -2.17 -16.02 -18.62
N VAL B 216 -3.31 -15.53 -18.14
CA VAL B 216 -4.21 -16.35 -17.27
C VAL B 216 -5.64 -16.34 -17.84
N GLY B 217 -5.83 -15.84 -19.06
CA GLY B 217 -7.13 -15.89 -19.76
C GLY B 217 -8.18 -14.99 -19.14
N LEU B 218 -7.78 -13.82 -18.63
CA LEU B 218 -8.69 -12.79 -18.10
C LEU B 218 -8.58 -11.55 -18.98
N LYS B 219 -9.59 -10.68 -18.96
CA LYS B 219 -9.53 -9.37 -19.66
C LYS B 219 -8.96 -8.34 -18.68
N PRO B 220 -8.28 -7.29 -19.16
CA PRO B 220 -7.82 -6.20 -18.30
C PRO B 220 -9.02 -5.40 -17.79
N GLY B 221 -8.93 -4.89 -16.55
CA GLY B 221 -9.99 -4.11 -15.88
C GLY B 221 -9.56 -2.68 -15.61
N GLU B 222 -9.18 -2.39 -14.35
CA GLU B 222 -8.67 -1.04 -13.99
C GLU B 222 -7.24 -1.14 -13.44
N PHE B 223 -6.47 -0.09 -13.71
CA PHE B 223 -5.21 0.21 -13.00
C PHE B 223 -5.43 1.39 -12.08
N ILE B 224 -5.07 1.23 -10.81
CA ILE B 224 -5.26 2.27 -9.76
C ILE B 224 -3.89 2.60 -9.15
N LEU B 225 -3.47 3.84 -9.30
CA LEU B 225 -2.22 4.35 -8.68
C LEU B 225 -2.61 5.19 -7.47
N THR B 226 -2.29 4.69 -6.28
CA THR B 226 -2.45 5.40 -4.99
C THR B 226 -1.07 5.89 -4.56
N LEU B 227 -0.92 7.20 -4.33
CA LEU B 227 0.37 7.83 -3.97
C LEU B 227 0.45 8.10 -2.45
N GLY B 228 1.66 7.98 -1.90
CA GLY B 228 2.03 8.62 -0.63
C GLY B 228 2.34 10.08 -0.88
N ASP B 229 3.62 10.46 -0.89
CA ASP B 229 4.10 11.84 -1.19
C ASP B 229 4.05 12.09 -2.70
N ALA B 230 2.96 12.69 -3.17
CA ALA B 230 2.79 13.12 -4.58
C ALA B 230 3.33 14.54 -4.68
N HIS B 231 4.40 14.75 -5.44
CA HIS B 231 5.09 16.07 -5.50
C HIS B 231 5.48 16.46 -6.93
N ILE B 232 5.42 17.77 -7.19
CA ILE B 232 5.98 18.46 -8.38
C ILE B 232 7.24 19.21 -7.95
N TYR B 233 8.38 18.97 -8.61
CA TYR B 233 9.60 19.82 -8.46
C TYR B 233 9.31 21.24 -9.00
N ASN B 234 9.75 22.25 -8.26
CA ASN B 234 9.61 23.70 -8.58
C ASN B 234 10.10 23.95 -10.02
N THR B 235 11.19 23.29 -10.44
CA THR B 235 11.79 23.43 -11.80
C THR B 235 10.83 22.97 -12.91
N HIS B 236 9.87 22.08 -12.63
CA HIS B 236 8.91 21.50 -13.62
C HIS B 236 7.62 22.33 -13.74
N ILE B 237 7.43 23.33 -12.87
CA ILE B 237 6.11 24.00 -12.72
C ILE B 237 5.68 24.59 -14.06
N GLU B 238 6.53 25.45 -14.64
CA GLU B 238 6.19 26.27 -15.84
C GLU B 238 5.85 25.32 -16.99
N VAL B 239 6.64 24.26 -17.17
CA VAL B 239 6.46 23.23 -18.24
C VAL B 239 5.11 22.52 -18.05
N LEU B 240 4.77 22.19 -16.82
CA LEU B 240 3.54 21.44 -16.50
C LEU B 240 2.31 22.33 -16.74
N LYS B 241 2.39 23.61 -16.42
CA LYS B 241 1.30 24.59 -16.67
C LYS B 241 0.99 24.60 -18.16
N LYS B 242 2.01 24.49 -19.02
CA LYS B 242 1.88 24.40 -20.50
C LYS B 242 1.19 23.08 -20.87
N GLN B 243 1.66 21.96 -20.31
CA GLN B 243 1.09 20.62 -20.59
C GLN B 243 -0.43 20.64 -20.32
N LEU B 244 -0.90 21.41 -19.33
CA LEU B 244 -2.32 21.43 -18.90
C LEU B 244 -3.22 22.13 -19.94
N CYS B 245 -2.67 23.06 -20.72
CA CYS B 245 -3.37 23.71 -21.86
C CYS B 245 -3.65 22.69 -22.98
N ARG B 246 -3.00 21.53 -23.01
CA ARG B 246 -3.13 20.57 -24.13
C ARG B 246 -4.33 19.66 -23.93
N VAL B 247 -5.21 19.61 -24.92
CA VAL B 247 -6.42 18.76 -24.90
C VAL B 247 -5.96 17.33 -25.14
N PRO B 248 -6.24 16.40 -24.21
CA PRO B 248 -5.89 15.00 -24.40
C PRO B 248 -6.63 14.41 -25.60
N ARG B 249 -5.95 13.50 -26.33
CA ARG B 249 -6.51 12.62 -27.40
C ARG B 249 -6.75 11.25 -26.83
N PRO B 250 -7.62 10.41 -27.45
CA PRO B 250 -7.93 9.08 -26.93
C PRO B 250 -6.63 8.33 -26.67
N PHE B 251 -6.59 7.56 -25.60
CA PHE B 251 -5.45 6.68 -25.28
C PHE B 251 -5.24 5.68 -26.41
N PRO B 252 -3.99 5.22 -26.65
CA PRO B 252 -3.75 4.16 -27.61
C PRO B 252 -4.29 2.82 -27.12
N LYS B 253 -4.23 1.79 -27.96
CA LYS B 253 -4.66 0.41 -27.61
C LYS B 253 -3.42 -0.46 -27.60
N LEU B 254 -3.37 -1.46 -26.73
CA LEU B 254 -2.29 -2.47 -26.72
C LEU B 254 -2.74 -3.72 -27.48
N ARG B 255 -1.98 -4.08 -28.51
CA ARG B 255 -2.19 -5.33 -29.27
C ARG B 255 -1.17 -6.37 -28.79
N ILE B 256 -1.66 -7.49 -28.28
CA ILE B 256 -0.80 -8.62 -27.89
C ILE B 256 -0.96 -9.72 -28.92
N LEU B 257 0.10 -10.03 -29.67
CA LEU B 257 0.13 -11.08 -30.74
C LEU B 257 0.11 -12.46 -30.10
N MET B 258 0.81 -12.65 -28.99
CA MET B 258 0.92 -13.96 -28.32
C MET B 258 1.32 -13.75 -26.85
N ALA B 259 1.15 -14.80 -26.06
CA ALA B 259 1.58 -14.87 -24.65
C ALA B 259 2.41 -16.14 -24.48
N PRO B 260 3.65 -16.05 -23.98
CA PRO B 260 4.48 -17.24 -23.79
C PRO B 260 4.07 -18.04 -22.54
N GLU B 261 4.65 -19.21 -22.35
CA GLU B 261 4.25 -20.11 -21.24
C GLU B 261 4.65 -19.44 -19.92
N LYS B 262 5.82 -18.81 -19.89
CA LYS B 262 6.38 -18.13 -18.70
C LYS B 262 6.51 -16.64 -18.97
N ILE B 263 6.08 -15.81 -18.01
CA ILE B 263 5.93 -14.33 -18.20
C ILE B 263 7.31 -13.67 -18.45
N GLU B 264 8.38 -14.16 -17.82
CA GLU B 264 9.76 -13.66 -18.04
C GLU B 264 10.25 -13.87 -19.48
N ASP B 265 9.51 -14.57 -20.35
CA ASP B 265 9.91 -14.83 -21.75
C ASP B 265 9.16 -13.91 -22.72
N PHE B 266 8.38 -12.96 -22.21
CA PHE B 266 7.78 -11.90 -23.04
C PHE B 266 8.92 -11.12 -23.71
N THR B 267 8.77 -10.69 -24.97
CA THR B 267 9.74 -9.79 -25.65
C THR B 267 8.97 -8.67 -26.33
N ILE B 268 9.61 -7.53 -26.55
CA ILE B 268 8.93 -6.31 -27.10
C ILE B 268 8.20 -6.65 -28.42
N ASP B 269 8.62 -7.71 -29.11
CA ASP B 269 8.05 -8.08 -30.43
C ASP B 269 6.68 -8.73 -30.26
N MET B 270 6.29 -9.10 -29.05
CA MET B 270 5.05 -9.86 -28.83
C MET B 270 3.84 -8.94 -28.67
N PHE B 271 4.02 -7.62 -28.65
CA PHE B 271 2.92 -6.65 -28.44
C PHE B 271 3.39 -5.31 -28.98
N TYR B 272 2.47 -4.35 -29.19
CA TYR B 272 2.78 -2.98 -29.68
C TYR B 272 1.58 -2.07 -29.35
N LEU B 273 1.85 -0.75 -29.39
CA LEU B 273 0.86 0.35 -29.23
C LEU B 273 0.21 0.67 -30.58
N GLU B 274 -1.12 0.56 -30.67
CA GLU B 274 -1.91 0.94 -31.85
C GLU B 274 -2.53 2.30 -31.58
N GLY B 275 -2.20 3.29 -32.40
CA GLY B 275 -2.91 4.58 -32.43
C GLY B 275 -2.38 5.55 -31.39
N TYR B 276 -1.08 5.51 -31.08
CA TYR B 276 -0.49 6.42 -30.08
C TYR B 276 -0.20 7.75 -30.76
N GLN B 277 -0.95 8.81 -30.45
CA GLN B 277 -0.88 10.11 -31.15
C GLN B 277 -0.58 11.22 -30.16
N PRO B 278 0.62 11.23 -29.56
CA PRO B 278 0.97 12.30 -28.63
C PRO B 278 1.15 13.67 -29.28
N HIS B 279 1.10 14.72 -28.45
CA HIS B 279 1.35 16.12 -28.83
C HIS B 279 2.87 16.30 -28.91
N SER B 280 3.32 17.34 -29.61
CA SER B 280 4.78 17.58 -29.78
C SER B 280 5.19 18.81 -28.95
N GLY B 281 6.29 18.72 -28.20
CA GLY B 281 6.70 19.81 -27.33
C GLY B 281 7.87 19.49 -26.44
N ASN B 282 7.61 18.90 -25.28
CA ASN B 282 8.65 18.17 -24.57
C ASN B 282 9.03 18.69 -23.16
N LEU B 283 10.28 18.45 -22.76
CA LEU B 283 10.93 19.06 -21.58
C LEU B 283 10.99 18.22 -20.29
N GLN B 284 11.29 18.85 -19.16
CA GLN B 284 11.33 18.18 -17.85
C GLN B 284 12.64 17.45 -17.53
N MET B 285 13.41 17.96 -16.56
CA MET B 285 14.74 17.43 -16.20
C MET B 285 14.85 16.87 -14.79
N LYS B 286 15.50 15.73 -14.64
CA LYS B 286 15.51 15.04 -13.36
C LYS B 286 16.36 15.67 -12.29
N MET B 287 15.82 15.63 -11.07
CA MET B 287 16.49 15.90 -9.80
C MET B 287 15.53 16.58 -8.86
N1 UMP C . -10.58 -8.14 8.29
C2 UMP C . -10.87 -6.79 8.40
N3 UMP C . -10.08 -6.11 9.28
C4 UMP C . -9.07 -6.62 10.05
C5 UMP C . -8.83 -8.01 9.89
C6 UMP C . -9.59 -8.71 9.04
O2 UMP C . -11.74 -6.24 7.77
O4 UMP C . -8.44 -5.88 10.79
C1' UMP C . -11.42 -8.92 7.37
C2' UMP C . -11.40 -8.49 5.93
C3' UMP C . -11.90 -9.74 5.22
C4' UMP C . -11.66 -10.86 6.22
O3' UMP C . -13.30 -9.63 5.02
O4' UMP C . -10.97 -10.25 7.33
C5' UMP C . -10.95 -12.09 5.73
O5' UMP C . -9.59 -11.79 5.38
P UMP C . -9.00 -12.42 4.07
OP1 UMP C . -7.74 -13.08 4.44
OP2 UMP C . -8.83 -11.28 3.17
OP3 UMP C . -9.96 -13.37 3.56
N1 MTX D . -13.99 -10.08 9.48
C2 MTX D . -13.83 -11.32 9.04
NA2 MTX D . -14.71 -11.79 8.15
N3 MTX D . -12.84 -12.13 9.43
C4 MTX D . -11.92 -11.74 10.30
NA4 MTX D . -10.95 -12.58 10.66
C4A MTX D . -12.03 -10.37 10.84
N5 MTX D . -11.19 -9.85 11.74
C6 MTX D . -11.40 -8.60 12.14
C7 MTX D . -12.46 -7.86 11.67
N8 MTX D . -13.32 -8.32 10.79
C8A MTX D . -13.15 -9.55 10.35
C9 MTX D . -10.49 -7.97 13.15
N10 MTX D . -11.16 -6.96 13.92
CM MTX D . -10.63 -5.63 13.91
C11 MTX D . -14.53 -7.71 16.24
C12 MTX D . -13.72 -8.75 15.82
C13 MTX D . -12.60 -8.51 15.06
C14 MTX D . -12.29 -7.22 14.69
C15 MTX D . -13.10 -6.18 15.10
C16 MTX D . -14.22 -6.41 15.87
C MTX D . -15.72 -8.03 17.07
O MTX D . -16.11 -9.17 17.15
N MTX D . -16.33 -7.06 17.73
CA MTX D . -17.25 -7.37 18.80
CT MTX D . -18.29 -6.33 18.95
O1 MTX D . -18.11 -5.24 18.39
O2 MTX D . -19.30 -6.57 19.63
CB MTX D . -16.50 -7.48 20.11
CG MTX D . -15.77 -8.80 20.21
CD MTX D . -15.68 -9.15 21.65
OE1 MTX D . -14.58 -9.08 22.24
OE2 MTX D . -16.73 -9.50 22.22
N1 UMP E . 10.40 8.34 -8.48
C2 UMP E . 9.23 8.29 -9.23
N3 UMP E . 8.99 7.09 -9.86
C4 UMP E . 9.77 5.95 -9.84
C5 UMP E . 10.97 6.08 -9.06
C6 UMP E . 11.24 7.25 -8.43
O2 UMP E . 8.46 9.24 -9.34
O4 UMP E . 9.42 4.95 -10.46
C1' UMP E . 10.77 9.62 -7.81
C2' UMP E . 10.02 9.99 -6.54
C3' UMP E . 11.01 10.94 -5.87
C4' UMP E . 12.32 10.22 -6.15
O3' UMP E . 11.01 12.24 -6.44
O4' UMP E . 12.13 9.54 -7.42
C5' UMP E . 12.72 9.20 -5.12
O5' UMP E . 13.21 9.91 -3.96
P UMP E . 12.67 9.56 -2.48
OP1 UMP E . 13.18 10.71 -1.61
OP2 UMP E . 13.29 8.22 -2.11
OP3 UMP E . 11.17 9.54 -2.56
N1 MTX F . 12.78 11.14 -10.26
C2 MTX F . 13.72 11.30 -9.33
NA2 MTX F . 13.80 12.49 -8.71
N3 MTX F . 14.60 10.36 -8.97
C4 MTX F . 14.58 9.15 -9.54
NA4 MTX F . 15.44 8.18 -9.21
C4A MTX F . 13.58 8.90 -10.57
N5 MTX F . 13.50 7.71 -11.18
C6 MTX F . 12.56 7.58 -12.12
C7 MTX F . 11.71 8.62 -12.43
N8 MTX F . 11.75 9.80 -11.82
C8A MTX F . 12.68 9.99 -10.90
C9 MTX F . 12.44 6.28 -12.84
N10 MTX F . 11.70 6.53 -14.04
CM MTX F . 10.40 5.92 -14.15
C11 MTX F . 13.20 8.94 -17.12
C12 MTX F . 11.91 8.48 -17.16
C13 MTX F . 11.43 7.69 -16.13
C14 MTX F . 12.22 7.35 -15.06
C15 MTX F . 13.52 7.83 -15.02
C16 MTX F . 14.00 8.62 -16.05
C MTX F . 13.71 9.82 -18.22
O MTX F . 14.36 10.79 -17.92
N MTX F . 13.46 9.54 -19.51
CA MTX F . 14.40 9.84 -20.59
CT MTX F . 13.82 9.47 -21.92
O1 MTX F . 12.60 9.25 -21.98
O2 MTX F . 14.58 9.37 -22.92
CB MTX F . 15.74 9.11 -20.46
CG MTX F . 15.62 7.63 -20.83
CD MTX F . 16.81 7.21 -21.64
OE1 MTX F . 17.39 8.08 -22.26
OE2 MTX F . 17.18 6.02 -21.66
#